data_8OVZ
#
_entry.id   8OVZ
#
_cell.length_a   53.9
_cell.length_b   56.67
_cell.length_c   215.81
_cell.angle_alpha   90
_cell.angle_beta   90
_cell.angle_gamma   90
#
_symmetry.space_group_name_H-M   'P 21 21 21'
#
loop_
_entity.id
_entity.type
_entity.pdbx_description
1 polymer 'Hepatocyte growth factor receptor'
2 non-polymer 'IODIDE ION'
3 non-polymer 1-[(1S)-1-[3-(1H-imidazol-4-yl)phenyl]ethyl]-5-(1H-indazol-7-yl)pyrimidine-2,4-dione
4 water water
#
_entity_poly.entity_id   1
_entity_poly.type   'polypeptide(L)'
_entity_poly.pdbx_seq_one_letter_code
;GDSDISSPLLQNTVHIDLSALNPELVQAVQHVVIGPSSLIVHFNEVIGRGHFGCVYHGTLLDNDGKKIHCAVKSLNRITD
IGEVSQFLTEGIIMKDFSHPNVLSLLGICLRSEGSPLVVLPYMKHGDLRNFIRNETHNPTVKDLIGFGLQVAKGMKYLAS
KKFVHRDLAARNCMLDEKFTVKVADFGLARVMYDKEYYSVHNKTGAKLPVKWMALESLQTQKFTTKSDVWSFGVLLWELM
TRGAPPYPDVNTFDITVYLLQGRRLLQPEYCPDPLYEVMLKCWHPKAEMRPSFSELVSRISAIFSTFIG
;
_entity_poly.pdbx_strand_id   A,B
#
loop_
_chem_comp.id
_chem_comp.type
_chem_comp.name
_chem_comp.formula
IOD non-polymer 'IODIDE ION' 'I -1'
W3N non-polymer 1-[(1S)-1-[3-(1H-imidazol-4-yl)phenyl]ethyl]-5-(1H-indazol-7-yl)pyrimidine-2,4-dione 'C22 H18 N6 O2'
#
# COMPACT_ATOMS: atom_id res chain seq x y z
N GLU A 24 -14.41 -8.31 -3.42
CA GLU A 24 -13.00 -8.68 -3.58
C GLU A 24 -12.19 -7.47 -4.04
N LEU A 25 -12.48 -6.96 -5.26
CA LEU A 25 -11.83 -5.76 -5.76
C LEU A 25 -12.25 -4.57 -4.87
N VAL A 26 -13.53 -4.54 -4.46
CA VAL A 26 -14.10 -3.53 -3.58
C VAL A 26 -13.43 -3.57 -2.21
N GLN A 27 -13.23 -4.76 -1.64
CA GLN A 27 -12.59 -4.89 -0.35
C GLN A 27 -11.13 -4.46 -0.42
N ALA A 28 -10.43 -4.87 -1.50
CA ALA A 28 -9.03 -4.53 -1.74
C ALA A 28 -8.77 -3.04 -1.95
N VAL A 29 -9.67 -2.31 -2.65
CA VAL A 29 -9.48 -0.89 -2.93
C VAL A 29 -9.85 0.09 -1.77
N GLN A 30 -10.50 -0.38 -0.68
CA GLN A 30 -10.95 0.53 0.37
C GLN A 30 -9.88 1.46 0.93
N HIS A 31 -8.67 0.93 1.21
CA HIS A 31 -7.52 1.71 1.72
C HIS A 31 -7.05 2.84 0.73
N VAL A 32 -7.51 2.78 -0.51
CA VAL A 32 -7.17 3.76 -1.54
C VAL A 32 -8.21 4.91 -1.56
N VAL A 33 -9.43 4.64 -1.12
CA VAL A 33 -10.51 5.60 -1.15
C VAL A 33 -10.38 6.70 -0.11
N ILE A 34 -10.64 7.93 -0.53
CA ILE A 34 -10.73 9.12 0.33
C ILE A 34 -12.09 9.79 0.05
N GLY A 35 -12.61 10.48 1.05
CA GLY A 35 -13.92 11.11 0.92
C GLY A 35 -14.02 12.51 1.47
N PRO A 36 -15.26 13.03 1.50
CA PRO A 36 -15.47 14.40 1.99
C PRO A 36 -15.05 14.66 3.44
N SER A 37 -14.75 13.61 4.23
CA SER A 37 -14.33 13.80 5.61
C SER A 37 -12.89 14.37 5.68
N SER A 38 -12.09 14.20 4.60
CA SER A 38 -10.72 14.66 4.48
C SER A 38 -10.52 15.64 3.32
N LEU A 39 -11.18 15.41 2.18
CA LEU A 39 -10.93 16.20 0.98
C LEU A 39 -11.97 17.26 0.61
N ILE A 40 -11.48 18.45 0.28
CA ILE A 40 -12.29 19.56 -0.20
C ILE A 40 -11.73 19.89 -1.57
N VAL A 41 -12.48 19.59 -2.64
CA VAL A 41 -12.03 19.89 -3.99
C VAL A 41 -12.49 21.29 -4.35
N HIS A 42 -11.60 22.17 -4.80
CA HIS A 42 -11.99 23.52 -5.21
C HIS A 42 -12.29 23.54 -6.70
N PHE A 43 -13.53 23.18 -7.07
CA PHE A 43 -14.00 23.11 -8.47
C PHE A 43 -13.93 24.45 -9.23
N ASN A 44 -13.80 25.55 -8.49
CA ASN A 44 -13.64 26.89 -9.05
C ASN A 44 -12.18 27.19 -9.40
N GLU A 45 -11.21 26.48 -8.78
CA GLU A 45 -9.79 26.69 -9.01
C GLU A 45 -9.21 25.61 -9.93
N VAL A 46 -9.23 25.87 -11.23
CA VAL A 46 -8.74 24.97 -12.28
C VAL A 46 -7.23 25.10 -12.51
N ILE A 47 -6.48 24.01 -12.31
CA ILE A 47 -5.04 23.92 -12.53
C ILE A 47 -4.73 23.60 -14.01
N GLY A 48 -5.54 22.74 -14.62
CA GLY A 48 -5.31 22.33 -15.99
C GLY A 48 -6.48 21.68 -16.69
N ARG A 49 -6.54 21.82 -18.01
CA ARG A 49 -7.60 21.30 -18.85
C ARG A 49 -6.96 20.24 -19.78
N GLY A 50 -7.56 19.05 -19.89
CA GLY A 50 -7.04 17.99 -20.75
C GLY A 50 -8.12 17.12 -21.39
N HIS A 51 -7.73 16.11 -22.16
CA HIS A 51 -8.66 15.18 -22.82
C HIS A 51 -9.36 14.21 -21.84
N PHE A 52 -8.76 14.00 -20.67
CA PHE A 52 -9.29 13.14 -19.59
C PHE A 52 -10.32 13.88 -18.70
N GLY A 53 -10.29 15.22 -18.73
CA GLY A 53 -11.10 16.09 -17.89
C GLY A 53 -10.26 17.25 -17.36
N CYS A 54 -10.55 17.73 -16.17
CA CYS A 54 -9.83 18.85 -15.58
C CYS A 54 -9.01 18.47 -14.33
N VAL A 55 -8.08 19.33 -13.94
CA VAL A 55 -7.28 19.21 -12.72
C VAL A 55 -7.66 20.41 -11.84
N TYR A 56 -7.97 20.18 -10.56
CA TYR A 56 -8.38 21.28 -9.66
C TYR A 56 -7.49 21.41 -8.46
N HIS A 57 -7.49 22.57 -7.79
CA HIS A 57 -6.76 22.70 -6.53
C HIS A 57 -7.61 21.97 -5.49
N GLY A 58 -6.96 21.31 -4.56
CA GLY A 58 -7.66 20.58 -3.52
C GLY A 58 -7.02 20.77 -2.17
N THR A 59 -7.79 20.51 -1.11
CA THR A 59 -7.29 20.60 0.24
C THR A 59 -7.57 19.28 0.95
N LEU A 60 -6.53 18.70 1.51
CA LEU A 60 -6.63 17.46 2.27
C LEU A 60 -6.36 17.79 3.74
N LEU A 61 -7.38 17.68 4.61
CA LEU A 61 -7.17 17.92 6.04
C LEU A 61 -6.91 16.59 6.72
N ASP A 62 -5.78 16.43 7.42
CA ASP A 62 -5.51 15.15 8.12
C ASP A 62 -6.21 15.12 9.50
N ASN A 63 -6.11 14.00 10.25
CA ASN A 63 -6.79 13.81 11.54
C ASN A 63 -6.48 14.86 12.61
N ASP A 64 -5.27 15.44 12.58
CA ASP A 64 -4.89 16.49 13.52
C ASP A 64 -5.56 17.83 13.18
N GLY A 65 -5.83 18.07 11.90
CA GLY A 65 -6.44 19.30 11.43
C GLY A 65 -5.57 20.10 10.47
N LYS A 66 -4.35 19.60 10.15
CA LYS A 66 -3.41 20.26 9.24
C LYS A 66 -3.77 20.07 7.75
N LYS A 67 -3.48 21.08 6.93
CA LYS A 67 -3.81 21.12 5.50
C LYS A 67 -2.68 20.73 4.55
N ILE A 68 -3.02 19.88 3.59
CA ILE A 68 -2.13 19.39 2.57
C ILE A 68 -2.68 19.88 1.24
N HIS A 69 -1.89 20.66 0.51
CA HIS A 69 -2.32 21.19 -0.79
C HIS A 69 -2.15 20.08 -1.83
N CYS A 70 -3.19 19.85 -2.62
CA CYS A 70 -3.15 18.80 -3.62
C CYS A 70 -3.80 19.19 -4.96
N ALA A 71 -3.62 18.33 -5.97
CA ALA A 71 -4.16 18.46 -7.32
C ALA A 71 -5.14 17.31 -7.49
N VAL A 72 -6.35 17.63 -7.94
CA VAL A 72 -7.40 16.65 -8.10
C VAL A 72 -7.69 16.45 -9.58
N LYS A 73 -7.28 15.32 -10.10
CA LYS A 73 -7.45 14.98 -11.50
C LYS A 73 -8.83 14.34 -11.66
N SER A 74 -9.68 14.85 -12.55
CA SER A 74 -11.01 14.26 -12.76
C SER A 74 -10.96 13.41 -14.02
N LEU A 75 -11.35 12.13 -13.91
CA LEU A 75 -11.35 11.23 -15.06
C LEU A 75 -12.76 11.12 -15.56
N ASN A 76 -13.20 12.15 -16.31
CA ASN A 76 -14.55 12.34 -16.83
C ASN A 76 -15.08 11.32 -17.85
N ARG A 77 -14.29 10.29 -18.22
CA ARG A 77 -14.75 9.32 -19.20
C ARG A 77 -15.05 7.94 -18.62
N ILE A 78 -14.55 7.63 -17.42
CA ILE A 78 -14.78 6.32 -16.78
C ILE A 78 -16.23 6.16 -16.30
N THR A 79 -17.00 5.28 -16.97
CA THR A 79 -18.40 5.08 -16.61
C THR A 79 -18.84 3.61 -16.43
N ASP A 80 -18.53 2.72 -17.39
CA ASP A 80 -19.00 1.34 -17.30
C ASP A 80 -18.20 0.45 -16.30
N ILE A 81 -18.76 -0.73 -15.97
CA ILE A 81 -18.25 -1.71 -15.02
C ILE A 81 -16.79 -2.12 -15.28
N GLY A 82 -16.43 -2.28 -16.55
CA GLY A 82 -15.08 -2.65 -16.94
C GLY A 82 -14.08 -1.52 -16.81
N GLU A 83 -14.54 -0.27 -16.98
CA GLU A 83 -13.68 0.91 -16.86
C GLU A 83 -13.42 1.20 -15.38
N VAL A 84 -14.49 1.22 -14.59
CA VAL A 84 -14.50 1.48 -13.15
C VAL A 84 -13.63 0.46 -12.40
N SER A 85 -13.71 -0.81 -12.82
CA SER A 85 -12.95 -1.90 -12.20
C SER A 85 -11.48 -1.87 -12.57
N GLN A 86 -11.15 -1.38 -13.76
CA GLN A 86 -9.77 -1.24 -14.16
C GLN A 86 -9.13 -0.07 -13.38
N PHE A 87 -9.91 1.00 -13.14
CA PHE A 87 -9.54 2.19 -12.37
C PHE A 87 -9.25 1.85 -10.91
N LEU A 88 -10.06 0.97 -10.29
CA LEU A 88 -9.82 0.56 -8.90
C LEU A 88 -8.52 -0.24 -8.81
N THR A 89 -8.27 -1.10 -9.82
CA THR A 89 -7.06 -1.93 -9.94
C THR A 89 -5.83 -1.05 -10.01
N GLU A 90 -5.90 0.05 -10.81
CA GLU A 90 -4.80 0.97 -11.00
C GLU A 90 -4.51 1.76 -9.71
N GLY A 91 -5.57 2.13 -8.99
CA GLY A 91 -5.45 2.82 -7.72
C GLY A 91 -4.76 1.94 -6.68
N ILE A 92 -5.06 0.64 -6.65
CA ILE A 92 -4.38 -0.29 -5.73
C ILE A 92 -2.86 -0.34 -6.03
N ILE A 93 -2.50 -0.42 -7.32
CA ILE A 93 -1.11 -0.47 -7.77
C ILE A 93 -0.35 0.81 -7.44
N MET A 94 -0.93 1.95 -7.80
CA MET A 94 -0.31 3.25 -7.65
C MET A 94 -0.32 3.79 -6.23
N LYS A 95 -1.20 3.27 -5.37
CA LYS A 95 -1.22 3.65 -3.96
C LYS A 95 0.04 3.06 -3.24
N ASP A 96 0.57 1.93 -3.75
CA ASP A 96 1.77 1.30 -3.20
C ASP A 96 3.04 2.13 -3.46
N PHE A 97 3.04 2.98 -4.51
CA PHE A 97 4.20 3.78 -4.87
C PHE A 97 4.69 4.65 -3.73
N SER A 98 5.94 4.49 -3.38
CA SER A 98 6.62 5.31 -2.41
C SER A 98 8.09 5.41 -2.82
N HIS A 99 8.44 6.48 -3.50
CA HIS A 99 9.80 6.78 -3.95
C HIS A 99 9.89 8.30 -4.14
N PRO A 100 11.03 8.95 -3.79
CA PRO A 100 11.09 10.41 -3.89
C PRO A 100 10.98 10.98 -5.30
N ASN A 101 11.29 10.21 -6.31
CA ASN A 101 11.18 10.67 -7.70
C ASN A 101 9.93 10.12 -8.39
N VAL A 102 8.91 9.74 -7.62
CA VAL A 102 7.66 9.23 -8.18
C VAL A 102 6.52 9.93 -7.48
N LEU A 103 5.66 10.61 -8.25
CA LEU A 103 4.49 11.30 -7.69
C LEU A 103 3.59 10.30 -6.94
N SER A 104 3.32 10.57 -5.67
CA SER A 104 2.52 9.68 -4.85
C SER A 104 1.03 9.80 -5.15
N LEU A 105 0.29 8.73 -4.90
CA LEU A 105 -1.16 8.76 -5.00
C LEU A 105 -1.69 8.94 -3.59
N LEU A 106 -2.38 10.05 -3.34
CA LEU A 106 -2.96 10.30 -2.01
C LEU A 106 -4.26 9.52 -1.82
N GLY A 107 -5.00 9.29 -2.90
CA GLY A 107 -6.23 8.54 -2.84
C GLY A 107 -7.12 8.73 -4.03
N ILE A 108 -8.24 8.02 -4.07
CA ILE A 108 -9.20 8.15 -5.14
C ILE A 108 -10.59 8.46 -4.54
N CYS A 109 -11.37 9.29 -5.23
CA CYS A 109 -12.71 9.64 -4.85
C CYS A 109 -13.67 8.87 -5.73
N LEU A 110 -14.52 8.03 -5.10
CA LEU A 110 -15.52 7.20 -5.77
C LEU A 110 -16.89 7.73 -5.39
N ARG A 111 -17.24 8.89 -5.93
CA ARG A 111 -18.48 9.57 -5.61
C ARG A 111 -19.71 8.86 -6.18
N SER A 112 -20.85 8.95 -5.50
CA SER A 112 -22.11 8.39 -6.02
C SER A 112 -22.65 9.22 -7.20
N GLU A 113 -22.30 10.51 -7.23
CA GLU A 113 -22.66 11.46 -8.28
C GLU A 113 -21.38 12.15 -8.70
N GLY A 114 -21.17 12.26 -10.01
CA GLY A 114 -19.97 12.88 -10.54
C GLY A 114 -18.90 11.88 -10.88
N SER A 115 -18.00 12.26 -11.80
CA SER A 115 -16.92 11.40 -12.27
C SER A 115 -15.87 11.10 -11.17
N PRO A 116 -15.20 9.93 -11.23
CA PRO A 116 -14.20 9.61 -10.21
C PRO A 116 -12.98 10.53 -10.29
N LEU A 117 -12.40 10.83 -9.13
CA LEU A 117 -11.26 11.75 -9.01
C LEU A 117 -10.01 11.05 -8.48
N VAL A 118 -8.83 11.47 -8.98
CA VAL A 118 -7.53 11.00 -8.55
C VAL A 118 -6.92 12.14 -7.72
N VAL A 119 -6.48 11.86 -6.49
CA VAL A 119 -5.92 12.89 -5.62
C VAL A 119 -4.43 12.75 -5.51
N LEU A 120 -3.74 13.78 -5.95
CA LEU A 120 -2.28 13.79 -6.03
C LEU A 120 -1.70 14.91 -5.19
N PRO A 121 -0.42 14.83 -4.75
CA PRO A 121 0.19 15.97 -4.05
C PRO A 121 0.38 17.13 -5.04
N TYR A 122 0.17 18.37 -4.59
CA TYR A 122 0.31 19.53 -5.46
C TYR A 122 1.79 19.84 -5.75
N MET A 123 2.10 20.15 -7.02
CA MET A 123 3.46 20.43 -7.49
C MET A 123 3.60 21.90 -7.82
N LYS A 124 4.30 22.63 -6.94
CA LYS A 124 4.53 24.07 -6.95
C LYS A 124 5.08 24.63 -8.26
N HIS A 125 6.01 23.90 -8.92
CA HIS A 125 6.61 24.44 -10.14
C HIS A 125 6.15 23.80 -11.44
N GLY A 126 5.03 23.07 -11.41
CA GLY A 126 4.41 22.46 -12.58
C GLY A 126 5.14 21.30 -13.22
N ASP A 127 5.00 21.14 -14.54
CA ASP A 127 5.67 20.11 -15.27
C ASP A 127 7.02 20.63 -15.79
N LEU A 128 7.98 19.72 -15.87
CA LEU A 128 9.34 19.92 -16.29
C LEU A 128 9.47 20.60 -17.66
N ARG A 129 8.63 20.22 -18.64
CA ARG A 129 8.70 20.84 -19.96
C ARG A 129 8.37 22.33 -19.88
N ASN A 130 7.28 22.70 -19.20
CA ASN A 130 6.90 24.10 -19.04
C ASN A 130 7.97 24.89 -18.31
N PHE A 131 8.56 24.29 -17.28
CA PHE A 131 9.59 24.94 -16.51
C PHE A 131 10.84 25.28 -17.34
N ILE A 132 11.32 24.33 -18.15
CA ILE A 132 12.53 24.57 -18.95
C ILE A 132 12.26 25.47 -20.19
N ARG A 133 11.02 25.48 -20.71
CA ARG A 133 10.64 26.32 -21.87
C ARG A 133 10.42 27.80 -21.52
N ASN A 134 10.19 28.09 -20.24
CA ASN A 134 9.93 29.45 -19.78
C ASN A 134 11.19 30.30 -19.86
N GLU A 135 11.08 31.43 -20.60
CA GLU A 135 12.14 32.42 -20.81
C GLU A 135 12.57 33.14 -19.52
N THR A 136 11.73 33.12 -18.47
CA THR A 136 12.11 33.69 -17.18
C THR A 136 12.95 32.73 -16.33
N HIS A 137 13.06 31.44 -16.73
CA HIS A 137 13.87 30.46 -16.03
C HIS A 137 15.18 30.28 -16.75
N ASN A 138 16.27 30.14 -15.99
CA ASN A 138 17.59 29.98 -16.58
C ASN A 138 18.34 28.78 -15.97
N PRO A 139 17.91 27.54 -16.25
CA PRO A 139 18.64 26.40 -15.70
C PRO A 139 19.93 26.14 -16.46
N THR A 140 20.99 25.79 -15.75
CA THR A 140 22.27 25.48 -16.34
C THR A 140 22.26 24.06 -16.96
N VAL A 141 23.33 23.66 -17.67
CA VAL A 141 23.44 22.33 -18.25
C VAL A 141 23.49 21.28 -17.12
N LYS A 142 24.19 21.57 -16.01
CA LYS A 142 24.23 20.67 -14.86
C LYS A 142 22.83 20.42 -14.27
N ASP A 143 21.98 21.47 -14.20
CA ASP A 143 20.61 21.40 -13.68
C ASP A 143 19.78 20.46 -14.54
N LEU A 144 19.93 20.56 -15.87
CA LEU A 144 19.18 19.75 -16.83
C LEU A 144 19.59 18.27 -16.72
N ILE A 145 20.91 17.99 -16.67
CA ILE A 145 21.44 16.64 -16.50
C ILE A 145 20.92 16.06 -15.16
N GLY A 146 20.92 16.88 -14.12
CA GLY A 146 20.42 16.51 -12.80
C GLY A 146 18.93 16.20 -12.79
N PHE A 147 18.14 16.92 -13.57
CA PHE A 147 16.70 16.65 -13.67
C PHE A 147 16.50 15.27 -14.32
N GLY A 148 17.28 14.95 -15.36
CA GLY A 148 17.26 13.68 -16.05
C GLY A 148 17.72 12.53 -15.18
N LEU A 149 18.64 12.80 -14.26
CA LEU A 149 19.15 11.81 -13.30
C LEU A 149 18.00 11.45 -12.32
N GLN A 150 17.17 12.43 -11.95
CA GLN A 150 16.06 12.20 -11.05
C GLN A 150 14.98 11.35 -11.69
N VAL A 151 14.67 11.61 -12.96
CA VAL A 151 13.74 10.83 -13.78
C VAL A 151 14.24 9.40 -13.94
N ALA A 152 15.54 9.20 -14.08
CA ALA A 152 16.12 7.87 -14.24
C ALA A 152 15.91 7.07 -12.95
N LYS A 153 16.13 7.69 -11.79
CA LYS A 153 15.91 7.08 -10.48
C LYS A 153 14.46 6.71 -10.25
N GLY A 154 13.54 7.53 -10.73
CA GLY A 154 12.12 7.26 -10.58
C GLY A 154 11.68 6.12 -11.46
N MET A 155 12.25 6.04 -12.66
CA MET A 155 11.94 4.97 -13.60
C MET A 155 12.57 3.64 -13.17
N LYS A 156 13.70 3.69 -12.48
CA LYS A 156 14.34 2.49 -11.95
C LYS A 156 13.40 1.84 -10.89
N TYR A 157 12.74 2.67 -10.09
CA TYR A 157 11.79 2.22 -9.08
C TYR A 157 10.55 1.60 -9.77
N LEU A 158 9.96 2.32 -10.75
CA LEU A 158 8.81 1.83 -11.50
C LEU A 158 9.07 0.51 -12.18
N ALA A 159 10.28 0.37 -12.79
CA ALA A 159 10.73 -0.83 -13.50
C ALA A 159 10.90 -2.01 -12.53
N SER A 160 11.30 -1.74 -11.28
CA SER A 160 11.40 -2.77 -10.23
C SER A 160 10.01 -3.31 -9.84
N LYS A 161 8.93 -2.53 -10.08
CA LYS A 161 7.56 -3.00 -9.81
C LYS A 161 6.93 -3.61 -11.08
N LYS A 162 7.68 -3.76 -12.19
CA LYS A 162 7.18 -4.23 -13.48
C LYS A 162 6.07 -3.30 -13.98
N PHE A 163 6.18 -1.99 -13.68
CA PHE A 163 5.21 -0.98 -14.08
C PHE A 163 5.70 -0.28 -15.34
N VAL A 164 5.03 -0.52 -16.48
CA VAL A 164 5.36 0.13 -17.75
C VAL A 164 4.61 1.50 -17.86
N HIS A 165 5.36 2.59 -17.95
CA HIS A 165 4.83 3.93 -18.06
C HIS A 165 3.98 4.15 -19.34
N ARG A 166 4.55 3.85 -20.52
CA ARG A 166 3.92 4.02 -21.84
C ARG A 166 3.90 5.49 -22.32
N ASP A 167 3.82 6.47 -21.39
CA ASP A 167 3.77 7.88 -21.72
C ASP A 167 4.90 8.74 -21.10
N LEU A 168 6.10 8.18 -20.88
CA LEU A 168 7.20 8.98 -20.32
C LEU A 168 7.62 10.12 -21.27
N ALA A 169 7.50 11.36 -20.81
CA ALA A 169 7.84 12.57 -21.53
C ALA A 169 8.05 13.70 -20.51
N ALA A 170 8.80 14.77 -20.85
CA ALA A 170 9.02 15.89 -19.93
C ALA A 170 7.72 16.60 -19.47
N ARG A 171 6.62 16.44 -20.23
CA ARG A 171 5.33 17.01 -19.82
C ARG A 171 4.72 16.22 -18.63
N ASN A 172 5.16 14.98 -18.39
CA ASN A 172 4.62 14.15 -17.31
C ASN A 172 5.54 14.07 -16.08
N CYS A 173 6.56 14.92 -16.01
CA CYS A 173 7.46 14.95 -14.86
C CYS A 173 7.19 16.21 -14.14
N MET A 174 6.76 16.09 -12.90
CA MET A 174 6.42 17.26 -12.09
C MET A 174 7.59 17.75 -11.25
N LEU A 175 7.55 19.01 -10.83
CA LEU A 175 8.61 19.62 -10.02
C LEU A 175 7.97 20.16 -8.77
N ASP A 176 8.30 19.60 -7.62
CA ASP A 176 7.74 20.05 -6.36
C ASP A 176 8.46 21.30 -5.81
N GLU A 177 8.01 21.82 -4.64
CA GLU A 177 8.57 23.01 -3.97
C GLU A 177 10.09 22.93 -3.73
N LYS A 178 10.67 21.73 -3.71
CA LYS A 178 12.11 21.55 -3.48
C LYS A 178 12.88 21.25 -4.77
N PHE A 179 12.26 21.46 -5.95
CA PHE A 179 12.85 21.14 -7.24
C PHE A 179 13.19 19.67 -7.36
N THR A 180 12.39 18.79 -6.71
CA THR A 180 12.52 17.35 -6.82
C THR A 180 11.61 16.92 -7.96
N VAL A 181 12.15 16.17 -8.92
CA VAL A 181 11.35 15.69 -10.05
C VAL A 181 10.56 14.47 -9.65
N LYS A 182 9.24 14.51 -9.89
CA LYS A 182 8.34 13.41 -9.64
C LYS A 182 7.84 12.85 -10.97
N VAL A 183 8.12 11.58 -11.27
CA VAL A 183 7.56 10.94 -12.48
C VAL A 183 6.05 10.76 -12.25
N ALA A 184 5.23 11.19 -13.22
CA ALA A 184 3.78 11.11 -13.10
C ALA A 184 3.10 10.83 -14.50
N ASP A 185 1.74 10.91 -14.63
CA ASP A 185 1.01 10.85 -15.88
C ASP A 185 -0.23 11.76 -15.79
N PHE A 186 -0.36 12.71 -16.74
CA PHE A 186 -1.50 13.60 -16.78
C PHE A 186 -2.27 13.43 -18.08
N GLY A 187 -2.47 12.20 -18.49
CA GLY A 187 -3.21 11.87 -19.71
C GLY A 187 -4.43 11.04 -19.39
N LEU A 188 -4.91 10.26 -20.37
CA LEU A 188 -6.08 9.41 -20.18
C LEU A 188 -5.85 8.41 -19.04
N ALA A 189 -6.93 7.83 -18.51
CA ALA A 189 -6.83 6.85 -17.44
C ALA A 189 -5.98 5.65 -17.88
N ARG A 190 -5.17 5.11 -16.97
CA ARG A 190 -4.30 3.98 -17.30
C ARG A 190 -5.06 2.67 -17.53
N VAL A 191 -4.70 1.95 -18.60
CA VAL A 191 -5.30 0.66 -18.91
C VAL A 191 -4.34 -0.50 -18.54
N MET A 192 -4.86 -1.73 -18.46
CA MET A 192 -4.07 -2.91 -18.10
C MET A 192 -3.46 -3.57 -19.34
N TYR A 193 -4.17 -3.54 -20.46
CA TYR A 193 -3.68 -4.17 -21.70
C TYR A 193 -3.30 -3.16 -22.76
N ASP A 194 -2.22 -3.45 -23.49
CA ASP A 194 -1.75 -2.65 -24.61
C ASP A 194 -2.82 -2.57 -25.73
N LYS A 195 -3.61 -3.65 -25.92
CA LYS A 195 -4.70 -3.64 -26.91
C LYS A 195 -5.75 -2.57 -26.57
N GLU A 196 -5.96 -2.28 -25.28
CA GLU A 196 -6.89 -1.25 -24.82
C GLU A 196 -6.31 0.17 -24.93
N TYR A 197 -4.99 0.32 -24.88
CA TYR A 197 -4.31 1.61 -25.00
C TYR A 197 -4.58 2.28 -26.36
N TYR A 198 -4.48 1.54 -27.47
CA TYR A 198 -4.76 2.08 -28.80
C TYR A 198 -6.27 2.29 -28.96
N SER A 199 -7.07 1.33 -28.47
CA SER A 199 -8.53 1.35 -28.51
C SER A 199 -9.10 2.60 -27.83
N VAL A 200 -8.54 2.97 -26.67
CA VAL A 200 -9.01 4.13 -25.91
C VAL A 200 -8.54 5.45 -26.53
N HIS A 201 -7.32 5.52 -27.08
CA HIS A 201 -6.84 6.77 -27.70
C HIS A 201 -7.66 7.08 -28.96
N ASN A 202 -8.03 6.05 -29.73
CA ASN A 202 -8.82 6.25 -30.93
C ASN A 202 -10.26 6.60 -30.58
N LYS A 203 -10.80 6.05 -29.49
CA LYS A 203 -12.19 6.33 -29.11
C LYS A 203 -12.38 7.74 -28.54
N THR A 204 -11.31 8.37 -28.00
CA THR A 204 -11.43 9.72 -27.43
C THR A 204 -10.81 10.85 -28.28
N GLY A 205 -10.10 10.51 -29.34
CA GLY A 205 -9.43 11.53 -30.16
C GLY A 205 -8.14 12.06 -29.53
N ALA A 206 -7.62 11.37 -28.51
CA ALA A 206 -6.35 11.76 -27.89
C ALA A 206 -5.24 11.19 -28.79
N LYS A 207 -4.25 12.02 -29.15
CA LYS A 207 -3.20 11.56 -30.06
C LYS A 207 -2.20 10.65 -29.36
N LEU A 208 -1.69 9.65 -30.08
CA LEU A 208 -0.68 8.75 -29.54
C LEU A 208 0.64 9.53 -29.37
N PRO A 209 1.47 9.23 -28.36
CA PRO A 209 2.73 9.97 -28.21
C PRO A 209 3.80 9.38 -29.13
N VAL A 210 3.50 9.34 -30.42
CA VAL A 210 4.30 8.75 -31.49
C VAL A 210 5.79 9.09 -31.41
N LYS A 211 6.12 10.37 -31.31
CA LYS A 211 7.52 10.80 -31.29
C LYS A 211 8.31 10.41 -30.05
N TRP A 212 7.66 9.75 -29.08
CA TRP A 212 8.28 9.24 -27.86
C TRP A 212 8.29 7.71 -27.79
N MET A 213 7.61 7.04 -28.74
CA MET A 213 7.49 5.62 -28.80
C MET A 213 8.66 4.96 -29.48
N ALA A 214 8.99 3.76 -28.96
CA ALA A 214 10.05 2.95 -29.50
C ALA A 214 9.58 2.35 -30.85
N LEU A 215 10.55 2.01 -31.72
CA LEU A 215 10.27 1.46 -33.04
C LEU A 215 9.35 0.22 -32.97
N GLU A 216 9.66 -0.75 -32.08
CA GLU A 216 8.84 -1.93 -31.91
C GLU A 216 7.43 -1.63 -31.38
N SER A 217 7.25 -0.56 -30.58
CA SER A 217 5.92 -0.14 -30.14
C SER A 217 5.12 0.41 -31.32
N LEU A 218 5.78 1.16 -32.21
CA LEU A 218 5.10 1.71 -33.39
C LEU A 218 4.65 0.60 -34.35
N GLN A 219 5.41 -0.50 -34.45
CA GLN A 219 5.10 -1.59 -35.37
C GLN A 219 4.27 -2.74 -34.77
N THR A 220 4.44 -3.05 -33.48
CA THR A 220 3.75 -4.17 -32.86
C THR A 220 2.65 -3.77 -31.87
N GLN A 221 2.56 -2.49 -31.50
CA GLN A 221 1.56 -1.96 -30.56
C GLN A 221 1.73 -2.50 -29.12
N LYS A 222 2.94 -2.91 -28.74
CA LYS A 222 3.23 -3.41 -27.40
C LYS A 222 4.22 -2.47 -26.69
N PHE A 223 4.19 -2.47 -25.36
CA PHE A 223 5.02 -1.60 -24.54
C PHE A 223 5.66 -2.40 -23.43
N THR A 224 6.94 -2.22 -23.20
CA THR A 224 7.68 -2.91 -22.16
C THR A 224 8.54 -1.84 -21.43
N THR A 225 9.30 -2.25 -20.40
CA THR A 225 10.25 -1.37 -19.74
C THR A 225 11.34 -0.94 -20.74
N LYS A 226 11.70 -1.82 -21.72
CA LYS A 226 12.70 -1.46 -22.72
C LYS A 226 12.21 -0.36 -23.67
N SER A 227 10.89 -0.27 -23.91
CA SER A 227 10.35 0.81 -24.70
C SER A 227 10.20 2.11 -23.84
N ASP A 228 10.16 2.00 -22.49
CA ASP A 228 10.19 3.15 -21.60
C ASP A 228 11.61 3.76 -21.67
N VAL A 229 12.66 2.93 -21.71
CA VAL A 229 14.05 3.34 -21.84
C VAL A 229 14.24 4.13 -23.15
N TRP A 230 13.55 3.74 -24.23
CA TRP A 230 13.57 4.50 -25.49
C TRP A 230 13.00 5.91 -25.25
N SER A 231 11.79 6.01 -24.61
CA SER A 231 11.10 7.29 -24.30
C SER A 231 11.95 8.19 -23.40
N PHE A 232 12.72 7.57 -22.50
CA PHE A 232 13.63 8.27 -21.59
C PHE A 232 14.74 8.98 -22.35
N GLY A 233 15.22 8.39 -23.44
CA GLY A 233 16.23 9.02 -24.27
C GLY A 233 15.69 10.28 -24.92
N VAL A 234 14.44 10.25 -25.38
CA VAL A 234 13.76 11.40 -25.97
C VAL A 234 13.58 12.50 -24.90
N LEU A 235 13.25 12.11 -23.64
CA LEU A 235 13.10 13.00 -22.50
C LEU A 235 14.46 13.70 -22.17
N LEU A 236 15.58 12.97 -22.18
CA LEU A 236 16.92 13.55 -22.01
C LEU A 236 17.16 14.60 -23.11
N TRP A 237 16.72 14.32 -24.34
CA TRP A 237 16.87 15.24 -25.46
C TRP A 237 15.99 16.48 -25.25
N GLU A 238 14.77 16.32 -24.69
CA GLU A 238 13.92 17.45 -24.37
C GLU A 238 14.56 18.35 -23.33
N LEU A 239 15.24 17.76 -22.35
CA LEU A 239 15.90 18.52 -21.30
C LEU A 239 17.09 19.32 -21.84
N MET A 240 17.95 18.70 -22.65
CA MET A 240 19.13 19.38 -23.19
C MET A 240 18.80 20.44 -24.26
N THR A 241 17.58 20.43 -24.82
CA THR A 241 17.16 21.47 -25.77
C THR A 241 16.24 22.54 -25.11
N ARG A 242 15.98 22.43 -23.78
CA ARG A 242 15.10 23.32 -23.03
C ARG A 242 13.66 23.30 -23.55
N GLY A 243 13.16 22.09 -23.82
CA GLY A 243 11.78 21.87 -24.21
C GLY A 243 11.45 22.00 -25.67
N ALA A 244 12.40 21.68 -26.56
CA ALA A 244 12.13 21.74 -27.99
C ALA A 244 11.34 20.51 -28.45
N PRO A 245 10.44 20.68 -29.45
CA PRO A 245 9.67 19.50 -29.91
C PRO A 245 10.55 18.52 -30.69
N PRO A 246 10.54 17.21 -30.34
CA PRO A 246 11.39 16.26 -31.08
C PRO A 246 10.91 16.06 -32.52
N TYR A 247 11.85 15.76 -33.45
CA TYR A 247 11.62 15.57 -34.90
C TYR A 247 10.60 16.63 -35.45
N PRO A 248 10.86 17.94 -35.27
CA PRO A 248 9.86 18.93 -35.65
C PRO A 248 9.42 18.87 -37.11
N ASP A 249 10.38 18.63 -38.00
CA ASP A 249 10.22 18.58 -39.45
C ASP A 249 9.84 17.17 -39.99
N VAL A 250 9.63 16.20 -39.10
CA VAL A 250 9.26 14.86 -39.51
C VAL A 250 7.83 14.65 -39.11
N ASN A 251 6.98 14.31 -40.08
CA ASN A 251 5.56 14.04 -39.83
C ASN A 251 5.43 12.82 -38.94
N THR A 252 4.39 12.81 -38.11
CA THR A 252 4.06 11.72 -37.19
C THR A 252 3.97 10.36 -37.96
N PHE A 253 3.48 10.41 -39.21
CA PHE A 253 3.33 9.24 -40.06
C PHE A 253 4.62 8.84 -40.80
N ASP A 254 5.64 9.68 -40.76
CA ASP A 254 6.93 9.41 -41.38
C ASP A 254 8.01 8.96 -40.39
N ILE A 255 7.72 8.97 -39.07
CA ILE A 255 8.62 8.62 -37.97
C ILE A 255 9.19 7.19 -38.09
N THR A 256 8.33 6.22 -38.41
CA THR A 256 8.76 4.83 -38.51
C THR A 256 9.81 4.61 -39.58
N VAL A 257 9.60 5.13 -40.80
CA VAL A 257 10.57 5.00 -41.89
C VAL A 257 11.85 5.73 -41.52
N TYR A 258 11.72 6.94 -40.97
CA TYR A 258 12.86 7.75 -40.50
C TYR A 258 13.74 6.93 -39.50
N LEU A 259 13.10 6.24 -38.55
CA LEU A 259 13.78 5.42 -37.55
C LEU A 259 14.38 4.13 -38.14
N LEU A 260 13.64 3.45 -39.04
CA LEU A 260 14.09 2.24 -39.73
C LEU A 260 15.33 2.54 -40.58
N GLN A 261 15.41 3.75 -41.14
CA GLN A 261 16.56 4.22 -41.91
C GLN A 261 17.81 4.47 -41.05
N GLY A 262 17.69 4.38 -39.73
CA GLY A 262 18.81 4.58 -38.81
C GLY A 262 18.99 5.99 -38.30
N ARG A 263 18.08 6.88 -38.67
CA ARG A 263 18.15 8.27 -38.28
C ARG A 263 17.60 8.50 -36.88
N ARG A 264 18.28 9.33 -36.11
CA ARG A 264 17.90 9.65 -34.76
C ARG A 264 17.77 11.18 -34.55
N LEU A 265 17.38 11.64 -33.34
CA LEU A 265 17.36 13.04 -32.96
C LEU A 265 18.84 13.50 -32.99
N LEU A 266 19.10 14.71 -33.51
CA LEU A 266 20.49 15.17 -33.59
C LEU A 266 20.99 15.69 -32.26
N GLN A 267 22.29 15.62 -32.04
CA GLN A 267 22.91 16.05 -30.79
C GLN A 267 22.66 17.51 -30.51
N PRO A 268 22.00 17.83 -29.39
CA PRO A 268 21.75 19.24 -29.07
C PRO A 268 23.04 20.05 -28.89
N GLU A 269 22.94 21.37 -29.12
CA GLU A 269 24.02 22.36 -29.05
C GLU A 269 24.80 22.37 -27.73
N TYR A 270 24.11 22.17 -26.60
CA TYR A 270 24.76 22.17 -25.30
C TYR A 270 24.59 20.82 -24.62
N CYS A 271 24.93 19.76 -25.34
CA CYS A 271 24.80 18.41 -24.84
C CYS A 271 26.16 17.75 -24.90
N PRO A 272 26.75 17.38 -23.77
CA PRO A 272 28.06 16.69 -23.79
C PRO A 272 28.03 15.41 -24.60
N ASP A 273 29.15 15.07 -25.27
CA ASP A 273 29.26 13.84 -26.07
C ASP A 273 28.86 12.58 -25.30
N PRO A 274 29.34 12.34 -24.05
CA PRO A 274 28.90 11.13 -23.32
C PRO A 274 27.39 11.05 -23.05
N LEU A 275 26.70 12.20 -22.92
CA LEU A 275 25.26 12.18 -22.68
C LEU A 275 24.51 11.81 -23.96
N TYR A 276 24.99 12.30 -25.11
CA TYR A 276 24.41 11.96 -26.40
C TYR A 276 24.65 10.48 -26.74
N GLU A 277 25.77 9.91 -26.29
CA GLU A 277 26.02 8.48 -26.46
C GLU A 277 24.98 7.66 -25.69
N VAL A 278 24.63 8.11 -24.47
CA VAL A 278 23.60 7.47 -23.63
C VAL A 278 22.24 7.46 -24.37
N MET A 279 21.85 8.60 -24.96
CA MET A 279 20.63 8.74 -25.76
C MET A 279 20.66 7.75 -26.93
N LEU A 280 21.81 7.61 -27.63
CA LEU A 280 21.92 6.67 -28.75
C LEU A 280 21.71 5.23 -28.31
N LYS A 281 22.22 4.86 -27.12
CA LYS A 281 22.00 3.52 -26.57
C LYS A 281 20.50 3.27 -26.22
N CYS A 282 19.79 4.30 -25.71
CA CYS A 282 18.36 4.20 -25.43
C CYS A 282 17.58 3.95 -26.73
N TRP A 283 18.04 4.53 -27.86
CA TRP A 283 17.36 4.36 -29.13
C TRP A 283 17.91 3.23 -29.96
N HIS A 284 18.44 2.17 -29.30
CA HIS A 284 18.99 1.02 -29.97
C HIS A 284 17.82 0.29 -30.64
N PRO A 285 17.94 -0.08 -31.93
CA PRO A 285 16.79 -0.78 -32.59
C PRO A 285 16.48 -2.12 -31.92
N LYS A 286 17.48 -2.77 -31.33
CA LYS A 286 17.26 -4.02 -30.59
C LYS A 286 16.96 -3.65 -29.13
N ALA A 287 15.72 -3.88 -28.71
CA ALA A 287 15.24 -3.59 -27.38
C ALA A 287 16.07 -4.27 -26.28
N GLU A 288 16.48 -5.54 -26.48
CA GLU A 288 17.27 -6.24 -25.46
C GLU A 288 18.69 -5.65 -25.30
N MET A 289 19.16 -4.79 -26.24
CA MET A 289 20.49 -4.20 -26.14
C MET A 289 20.52 -2.81 -25.48
N ARG A 290 19.33 -2.21 -25.22
CA ARG A 290 19.24 -0.92 -24.55
C ARG A 290 19.68 -1.07 -23.10
N PRO A 291 20.22 0.00 -22.47
CA PRO A 291 20.57 -0.11 -21.05
C PRO A 291 19.32 -0.20 -20.18
N SER A 292 19.46 -0.77 -18.99
CA SER A 292 18.38 -0.80 -18.02
C SER A 292 18.39 0.58 -17.29
N PHE A 293 17.32 0.90 -16.56
CA PHE A 293 17.28 2.14 -15.78
C PHE A 293 18.35 2.18 -14.69
N SER A 294 18.75 1.01 -14.18
CA SER A 294 19.81 0.89 -13.18
C SER A 294 21.17 1.30 -13.76
N GLU A 295 21.44 0.93 -15.03
CA GLU A 295 22.65 1.32 -15.76
C GLU A 295 22.57 2.81 -16.08
N LEU A 296 21.40 3.29 -16.52
CA LEU A 296 21.23 4.72 -16.81
C LEU A 296 21.51 5.58 -15.57
N VAL A 297 21.07 5.16 -14.36
CA VAL A 297 21.33 5.91 -13.14
C VAL A 297 22.83 5.99 -12.85
N SER A 298 23.54 4.85 -12.99
CA SER A 298 24.98 4.76 -12.79
C SER A 298 25.74 5.61 -13.81
N ARG A 299 25.36 5.53 -15.08
CA ARG A 299 26.04 6.31 -16.12
C ARG A 299 25.82 7.80 -15.99
N ILE A 300 24.56 8.22 -15.83
CA ILE A 300 24.23 9.65 -15.71
C ILE A 300 24.80 10.29 -14.41
N SER A 301 24.95 9.54 -13.29
CA SER A 301 25.57 10.09 -12.07
C SER A 301 27.03 10.41 -12.34
N ALA A 302 27.73 9.52 -13.08
CA ALA A 302 29.13 9.76 -13.43
C ALA A 302 29.24 11.00 -14.32
N ILE A 303 28.37 11.15 -15.33
CA ILE A 303 28.41 12.34 -16.20
C ILE A 303 28.14 13.59 -15.37
N PHE A 304 27.12 13.55 -14.53
CA PHE A 304 26.68 14.65 -13.66
C PHE A 304 27.80 15.20 -12.74
N SER A 305 28.61 14.30 -12.16
CA SER A 305 29.67 14.65 -11.23
C SER A 305 30.81 15.43 -11.90
N THR A 306 31.03 15.19 -13.21
CA THR A 306 32.05 15.96 -13.93
C THR A 306 31.62 17.41 -14.19
N PHE A 307 30.36 17.77 -13.96
CA PHE A 307 29.87 19.14 -14.13
C PHE A 307 30.04 19.89 -12.82
N ILE A 308 30.75 21.00 -12.85
CA ILE A 308 31.01 21.80 -11.65
C ILE A 308 29.85 22.76 -11.37
N GLY A 309 29.55 22.95 -10.09
CA GLY A 309 28.49 23.85 -9.69
C GLY A 309 27.43 23.18 -8.84
N ALA B 20 -5.53 -18.81 -14.61
CA ALA B 20 -6.71 -19.26 -13.88
C ALA B 20 -7.46 -18.14 -13.12
N LEU B 21 -6.76 -17.32 -12.30
CA LEU B 21 -7.38 -16.23 -11.53
C LEU B 21 -7.64 -14.92 -12.29
N ASN B 22 -8.67 -14.15 -11.82
CA ASN B 22 -9.12 -12.82 -12.28
C ASN B 22 -7.90 -11.92 -12.51
N PRO B 23 -7.67 -11.50 -13.76
CA PRO B 23 -6.44 -10.75 -14.10
C PRO B 23 -6.22 -9.45 -13.34
N GLU B 24 -7.30 -8.74 -13.04
CA GLU B 24 -7.25 -7.50 -12.26
C GLU B 24 -6.65 -7.79 -10.86
N LEU B 25 -7.18 -8.81 -10.18
CA LEU B 25 -6.70 -9.23 -8.86
C LEU B 25 -5.22 -9.66 -8.91
N VAL B 26 -4.81 -10.38 -9.96
CA VAL B 26 -3.41 -10.83 -10.09
C VAL B 26 -2.42 -9.66 -10.25
N GLN B 27 -2.80 -8.65 -11.03
CA GLN B 27 -2.00 -7.44 -11.24
C GLN B 27 -1.94 -6.58 -9.97
N ALA B 28 -3.08 -6.46 -9.28
CA ALA B 28 -3.17 -5.68 -8.04
C ALA B 28 -2.36 -6.26 -6.87
N VAL B 29 -2.19 -7.59 -6.76
CA VAL B 29 -1.46 -8.19 -5.66
C VAL B 29 0.09 -8.21 -5.83
N GLN B 30 0.59 -7.89 -7.05
CA GLN B 30 2.03 -7.93 -7.34
C GLN B 30 2.92 -7.13 -6.36
N HIS B 31 2.50 -5.93 -5.96
CA HIS B 31 3.25 -5.12 -5.00
C HIS B 31 3.37 -5.76 -3.60
N VAL B 32 2.58 -6.81 -3.32
CA VAL B 32 2.59 -7.57 -2.04
C VAL B 32 3.52 -8.80 -2.15
N VAL B 33 3.70 -9.32 -3.35
CA VAL B 33 4.51 -10.50 -3.59
C VAL B 33 6.02 -10.28 -3.41
N ILE B 34 6.64 -11.14 -2.62
CA ILE B 34 8.08 -11.15 -2.43
C ILE B 34 8.59 -12.56 -2.80
N GLY B 35 9.81 -12.64 -3.32
CA GLY B 35 10.34 -13.91 -3.77
C GLY B 35 11.71 -14.29 -3.29
N PRO B 36 12.29 -15.32 -3.96
CA PRO B 36 13.63 -15.80 -3.56
C PRO B 36 14.76 -14.80 -3.77
N SER B 37 14.54 -13.69 -4.51
CA SER B 37 15.57 -12.67 -4.70
C SER B 37 15.80 -11.80 -3.43
N SER B 38 14.89 -11.90 -2.43
CA SER B 38 15.07 -11.18 -1.18
C SER B 38 14.82 -12.10 0.03
N LEU B 39 13.92 -13.07 -0.09
CA LEU B 39 13.55 -13.94 1.04
C LEU B 39 14.24 -15.32 1.12
N ILE B 40 14.81 -15.63 2.28
CA ILE B 40 15.42 -16.93 2.58
C ILE B 40 14.60 -17.56 3.71
N VAL B 41 13.83 -18.63 3.44
CA VAL B 41 13.04 -19.29 4.49
C VAL B 41 13.79 -20.47 5.09
N HIS B 42 14.02 -20.45 6.41
CA HIS B 42 14.74 -21.55 7.08
C HIS B 42 13.73 -22.59 7.53
N PHE B 43 13.41 -23.54 6.65
CA PHE B 43 12.42 -24.60 6.92
C PHE B 43 12.87 -25.56 8.05
N ASN B 44 14.18 -25.62 8.35
CA ASN B 44 14.68 -26.43 9.46
C ASN B 44 14.57 -25.69 10.82
N GLU B 45 14.07 -24.44 10.85
CA GLU B 45 13.92 -23.69 12.08
C GLU B 45 12.45 -23.34 12.31
N VAL B 46 11.74 -24.23 12.99
CA VAL B 46 10.32 -24.06 13.28
C VAL B 46 10.11 -23.25 14.54
N ILE B 47 9.33 -22.17 14.44
CA ILE B 47 8.95 -21.30 15.54
C ILE B 47 7.78 -21.97 16.30
N GLY B 48 6.77 -22.42 15.55
CA GLY B 48 5.59 -23.07 16.09
C GLY B 48 4.66 -23.62 15.04
N ARG B 49 3.54 -24.20 15.46
CA ARG B 49 2.56 -24.76 14.53
C ARG B 49 1.12 -24.51 14.99
N GLY B 50 0.20 -24.51 14.05
CA GLY B 50 -1.22 -24.33 14.31
C GLY B 50 -2.08 -25.11 13.34
N HIS B 51 -3.38 -24.87 13.37
CA HIS B 51 -4.30 -25.53 12.45
C HIS B 51 -4.14 -25.04 10.98
N PHE B 52 -3.37 -23.96 10.78
CA PHE B 52 -3.08 -23.34 9.50
C PHE B 52 -1.84 -23.96 8.81
N GLY B 53 -0.91 -24.47 9.61
CA GLY B 53 0.36 -25.01 9.13
C GLY B 53 1.50 -24.68 10.08
N CYS B 54 2.63 -24.20 9.55
CA CYS B 54 3.79 -23.91 10.39
C CYS B 54 4.27 -22.46 10.32
N VAL B 55 5.05 -22.04 11.31
CA VAL B 55 5.69 -20.73 11.32
C VAL B 55 7.18 -21.02 11.39
N TYR B 56 7.96 -20.55 10.40
CA TYR B 56 9.40 -20.78 10.31
C TYR B 56 10.21 -19.50 10.51
N HIS B 57 11.51 -19.62 10.87
CA HIS B 57 12.38 -18.46 10.95
C HIS B 57 12.71 -18.02 9.50
N GLY B 58 12.88 -16.73 9.28
CA GLY B 58 13.21 -16.22 7.96
C GLY B 58 14.19 -15.07 7.95
N THR B 59 14.85 -14.87 6.81
CA THR B 59 15.77 -13.75 6.60
C THR B 59 15.33 -13.02 5.34
N LEU B 60 15.19 -11.71 5.40
CA LEU B 60 14.76 -10.90 4.27
C LEU B 60 15.85 -9.89 3.97
N LEU B 61 16.39 -9.90 2.75
CA LEU B 61 17.49 -9.02 2.37
C LEU B 61 17.01 -7.87 1.51
N ASP B 62 17.38 -6.63 1.85
CA ASP B 62 16.99 -5.48 1.01
C ASP B 62 17.98 -5.30 -0.17
N ASN B 63 17.80 -4.25 -1.01
CA ASN B 63 18.67 -3.98 -2.16
C ASN B 63 20.14 -3.71 -1.77
N ASP B 64 20.38 -3.10 -0.60
CA ASP B 64 21.74 -2.83 -0.14
C ASP B 64 22.45 -4.07 0.44
N GLY B 65 21.67 -5.07 0.85
CA GLY B 65 22.19 -6.30 1.43
C GLY B 65 21.87 -6.47 2.91
N LYS B 66 21.19 -5.49 3.54
CA LYS B 66 20.89 -5.58 4.97
C LYS B 66 19.79 -6.61 5.32
N LYS B 67 20.12 -7.53 6.23
CA LYS B 67 19.26 -8.61 6.67
C LYS B 67 18.19 -8.16 7.65
N ILE B 68 16.98 -8.70 7.48
CA ILE B 68 15.83 -8.42 8.32
C ILE B 68 15.28 -9.74 8.81
N HIS B 69 15.39 -10.01 10.12
CA HIS B 69 14.84 -11.24 10.70
C HIS B 69 13.32 -11.15 10.65
N CYS B 70 12.69 -12.20 10.13
CA CYS B 70 11.23 -12.27 10.07
C CYS B 70 10.68 -13.67 10.41
N ALA B 71 9.36 -13.78 10.55
CA ALA B 71 8.67 -15.04 10.82
C ALA B 71 7.85 -15.36 9.56
N VAL B 72 7.90 -16.59 9.08
CA VAL B 72 7.22 -16.99 7.85
C VAL B 72 6.11 -17.99 8.13
N LYS B 73 4.87 -17.58 7.95
CA LYS B 73 3.72 -18.42 8.19
C LYS B 73 3.34 -19.18 6.91
N SER B 74 3.19 -20.50 7.00
CA SER B 74 2.81 -21.37 5.90
C SER B 74 1.31 -21.69 5.99
N LEU B 75 0.54 -21.37 4.94
CA LEU B 75 -0.89 -21.61 4.94
C LEU B 75 -1.24 -22.77 4.00
N ASN B 76 -1.18 -23.98 4.55
CA ASN B 76 -1.40 -25.24 3.87
C ASN B 76 -2.81 -25.46 3.32
N ARG B 77 -3.81 -24.76 3.84
CA ARG B 77 -5.18 -24.90 3.35
C ARG B 77 -5.42 -24.15 2.04
N ILE B 78 -4.63 -23.09 1.77
CA ILE B 78 -4.82 -22.26 0.57
C ILE B 78 -4.43 -23.04 -0.68
N THR B 79 -5.38 -23.78 -1.27
CA THR B 79 -5.11 -24.60 -2.44
C THR B 79 -6.06 -24.27 -3.61
N ASP B 80 -7.37 -24.36 -3.38
CA ASP B 80 -8.35 -24.08 -4.43
C ASP B 80 -8.37 -22.61 -4.87
N ILE B 81 -8.94 -22.34 -6.06
CA ILE B 81 -9.05 -20.99 -6.63
C ILE B 81 -9.72 -19.99 -5.67
N GLY B 82 -10.74 -20.44 -4.94
CA GLY B 82 -11.48 -19.61 -4.00
C GLY B 82 -10.65 -19.16 -2.83
N GLU B 83 -9.88 -20.08 -2.27
CA GLU B 83 -9.00 -19.82 -1.13
C GLU B 83 -7.82 -18.90 -1.54
N VAL B 84 -7.33 -19.05 -2.78
CA VAL B 84 -6.24 -18.22 -3.28
C VAL B 84 -6.75 -16.82 -3.57
N SER B 85 -7.95 -16.71 -4.17
CA SER B 85 -8.57 -15.39 -4.45
C SER B 85 -8.74 -14.56 -3.18
N GLN B 86 -9.30 -15.17 -2.13
CA GLN B 86 -9.54 -14.52 -0.87
C GLN B 86 -8.22 -14.10 -0.23
N PHE B 87 -7.19 -14.97 -0.32
CA PHE B 87 -5.86 -14.72 0.25
C PHE B 87 -5.15 -13.55 -0.43
N LEU B 88 -5.26 -13.44 -1.77
CA LEU B 88 -4.63 -12.32 -2.48
C LEU B 88 -5.27 -10.99 -2.04
N THR B 89 -6.59 -10.97 -1.90
CA THR B 89 -7.36 -9.81 -1.45
C THR B 89 -6.93 -9.36 -0.04
N GLU B 90 -6.71 -10.32 0.88
CA GLU B 90 -6.29 -10.05 2.27
C GLU B 90 -4.88 -9.48 2.34
N GLY B 91 -4.02 -9.91 1.45
CA GLY B 91 -2.65 -9.41 1.38
C GLY B 91 -2.65 -7.96 0.93
N ILE B 92 -3.50 -7.63 -0.04
CA ILE B 92 -3.59 -6.25 -0.53
C ILE B 92 -4.04 -5.32 0.62
N ILE B 93 -5.12 -5.72 1.32
CA ILE B 93 -5.62 -4.98 2.46
C ILE B 93 -4.57 -4.84 3.57
N MET B 94 -3.89 -5.93 3.94
CA MET B 94 -2.99 -5.89 5.08
C MET B 94 -1.62 -5.28 4.76
N LYS B 95 -1.23 -5.21 3.46
CA LYS B 95 0.01 -4.54 3.02
C LYS B 95 -0.06 -3.02 3.27
N ASP B 96 -1.27 -2.45 3.30
CA ASP B 96 -1.47 -1.04 3.60
C ASP B 96 -1.22 -0.69 5.10
N PHE B 97 -1.27 -1.68 6.02
CA PHE B 97 -1.05 -1.43 7.45
C PHE B 97 0.29 -0.74 7.75
N SER B 98 0.22 0.41 8.45
CA SER B 98 1.41 1.15 8.85
C SER B 98 1.12 1.92 10.13
N HIS B 99 1.33 1.29 11.29
CA HIS B 99 1.04 1.90 12.58
C HIS B 99 1.90 1.23 13.65
N PRO B 100 2.48 2.02 14.58
CA PRO B 100 3.38 1.43 15.59
C PRO B 100 2.81 0.29 16.43
N ASN B 101 1.48 0.20 16.56
CA ASN B 101 0.88 -0.86 17.35
C ASN B 101 0.13 -1.89 16.48
N VAL B 102 0.48 -1.98 15.19
CA VAL B 102 -0.09 -2.97 14.28
C VAL B 102 1.08 -3.69 13.59
N LEU B 103 1.12 -5.04 13.66
CA LEU B 103 2.14 -5.84 12.99
C LEU B 103 2.02 -5.64 11.47
N SER B 104 3.13 -5.26 10.85
CA SER B 104 3.19 -5.01 9.42
C SER B 104 3.20 -6.32 8.64
N LEU B 105 2.81 -6.24 7.38
CA LEU B 105 2.92 -7.37 6.48
C LEU B 105 4.14 -7.06 5.61
N LEU B 106 5.22 -7.83 5.75
CA LEU B 106 6.41 -7.63 4.91
C LEU B 106 6.14 -8.09 3.45
N GLY B 107 5.26 -9.10 3.30
CA GLY B 107 4.89 -9.58 1.97
C GLY B 107 4.36 -10.99 1.94
N ILE B 108 3.96 -11.46 0.74
CA ILE B 108 3.48 -12.82 0.56
C ILE B 108 4.30 -13.57 -0.51
N CYS B 109 4.45 -14.88 -0.33
CA CYS B 109 5.14 -15.71 -1.31
C CYS B 109 4.11 -16.54 -2.08
N LEU B 110 4.07 -16.40 -3.42
CA LEU B 110 3.13 -17.16 -4.23
C LEU B 110 3.86 -18.21 -5.02
N ARG B 111 4.26 -19.30 -4.36
CA ARG B 111 5.03 -20.35 -5.00
C ARG B 111 4.18 -21.21 -5.91
N SER B 112 4.78 -21.64 -7.03
CA SER B 112 4.20 -22.60 -7.95
C SER B 112 4.21 -24.01 -7.30
N GLU B 113 5.16 -24.25 -6.35
CA GLU B 113 5.29 -25.50 -5.62
C GLU B 113 5.34 -25.20 -4.12
N GLY B 114 4.35 -25.68 -3.39
CA GLY B 114 4.27 -25.45 -1.96
C GLY B 114 3.16 -24.51 -1.58
N SER B 115 2.78 -24.51 -0.31
CA SER B 115 1.71 -23.63 0.18
C SER B 115 2.15 -22.16 0.13
N PRO B 116 1.21 -21.20 -0.01
CA PRO B 116 1.60 -19.79 0.01
C PRO B 116 2.13 -19.41 1.40
N LEU B 117 3.00 -18.41 1.46
CA LEU B 117 3.60 -17.97 2.72
C LEU B 117 3.28 -16.52 3.01
N VAL B 118 3.19 -16.17 4.31
CA VAL B 118 2.98 -14.81 4.80
C VAL B 118 4.29 -14.46 5.56
N VAL B 119 4.90 -13.32 5.22
CA VAL B 119 6.16 -12.92 5.82
C VAL B 119 5.95 -11.74 6.72
N LEU B 120 6.09 -11.94 8.03
CA LEU B 120 5.85 -10.90 9.02
C LEU B 120 7.15 -10.51 9.74
N PRO B 121 7.25 -9.30 10.33
CA PRO B 121 8.45 -8.98 11.12
C PRO B 121 8.54 -9.93 12.33
N TYR B 122 9.73 -10.43 12.63
CA TYR B 122 9.94 -11.33 13.76
C TYR B 122 9.77 -10.50 15.06
N MET B 123 9.10 -11.07 16.07
CA MET B 123 8.86 -10.39 17.34
C MET B 123 9.61 -11.11 18.42
N LYS B 124 10.71 -10.52 18.88
CA LYS B 124 11.61 -11.09 19.86
C LYS B 124 10.96 -11.58 21.17
N HIS B 125 9.95 -10.87 21.70
CA HIS B 125 9.36 -11.27 22.98
C HIS B 125 8.03 -12.00 22.89
N GLY B 126 7.76 -12.61 21.73
CA GLY B 126 6.58 -13.40 21.46
C GLY B 126 5.25 -12.75 21.79
N ASP B 127 4.22 -13.56 21.96
CA ASP B 127 2.88 -13.06 22.27
C ASP B 127 2.71 -12.61 23.72
N LEU B 128 1.82 -11.65 23.91
CA LEU B 128 1.50 -11.02 25.18
C LEU B 128 1.01 -12.02 26.22
N ARG B 129 0.19 -13.02 25.83
CA ARG B 129 -0.31 -14.00 26.78
C ARG B 129 0.81 -14.78 27.47
N ASN B 130 1.71 -15.40 26.70
CA ASN B 130 2.82 -16.16 27.29
C ASN B 130 3.74 -15.25 28.10
N PHE B 131 3.95 -14.02 27.65
CA PHE B 131 4.79 -13.05 28.33
C PHE B 131 4.31 -12.77 29.77
N ILE B 132 3.02 -12.40 29.94
CA ILE B 132 2.44 -12.08 31.23
C ILE B 132 2.19 -13.34 32.09
N ARG B 133 2.03 -14.50 31.46
CA ARG B 133 1.83 -15.77 32.18
C ARG B 133 3.13 -16.28 32.80
N ASN B 134 4.28 -15.94 32.21
CA ASN B 134 5.64 -16.33 32.61
C ASN B 134 5.95 -15.86 34.03
N GLU B 135 6.47 -16.78 34.85
CA GLU B 135 6.78 -16.53 36.24
C GLU B 135 8.02 -15.63 36.44
N THR B 136 9.05 -15.78 35.59
CA THR B 136 10.26 -14.96 35.74
C THR B 136 9.95 -13.48 35.55
N HIS B 137 9.21 -13.13 34.49
CA HIS B 137 8.82 -11.76 34.19
C HIS B 137 7.95 -11.18 35.30
N ASN B 138 8.16 -9.90 35.65
CA ASN B 138 7.37 -9.26 36.71
C ASN B 138 6.86 -7.86 36.32
N PRO B 139 5.90 -7.75 35.36
CA PRO B 139 5.38 -6.42 35.02
C PRO B 139 4.43 -5.92 36.08
N THR B 140 4.52 -4.63 36.42
CA THR B 140 3.65 -4.03 37.42
C THR B 140 2.21 -3.80 36.86
N VAL B 141 1.28 -3.27 37.66
CA VAL B 141 -0.08 -3.00 37.21
C VAL B 141 -0.04 -1.92 36.10
N LYS B 142 0.78 -0.88 36.31
CA LYS B 142 0.99 0.26 35.38
C LYS B 142 1.52 -0.21 34.01
N ASP B 143 2.42 -1.21 34.00
CA ASP B 143 2.96 -1.77 32.77
C ASP B 143 1.86 -2.54 32.01
N LEU B 144 0.96 -3.21 32.73
CA LEU B 144 -0.14 -3.97 32.14
C LEU B 144 -1.15 -3.03 31.52
N ILE B 145 -1.45 -1.91 32.21
CA ILE B 145 -2.34 -0.87 31.69
C ILE B 145 -1.72 -0.25 30.42
N GLY B 146 -0.39 -0.05 30.43
CA GLY B 146 0.37 0.43 29.28
C GLY B 146 0.18 -0.45 28.07
N PHE B 147 0.29 -1.78 28.24
CA PHE B 147 0.05 -2.76 27.17
C PHE B 147 -1.37 -2.62 26.59
N GLY B 148 -2.36 -2.47 27.45
CA GLY B 148 -3.75 -2.29 27.06
C GLY B 148 -4.00 -1.02 26.26
N LEU B 149 -3.26 0.05 26.57
CA LEU B 149 -3.31 1.33 25.87
C LEU B 149 -2.72 1.20 24.46
N GLN B 150 -1.65 0.39 24.31
CA GLN B 150 -1.03 0.14 23.03
C GLN B 150 -1.98 -0.66 22.15
N VAL B 151 -2.58 -1.72 22.70
CA VAL B 151 -3.58 -2.54 21.98
C VAL B 151 -4.76 -1.67 21.55
N ALA B 152 -5.14 -0.66 22.34
CA ALA B 152 -6.25 0.21 22.00
C ALA B 152 -5.91 1.15 20.82
N LYS B 153 -4.68 1.68 20.77
CA LYS B 153 -4.23 2.56 19.69
C LYS B 153 -4.16 1.86 18.34
N GLY B 154 -3.73 0.60 18.35
CA GLY B 154 -3.66 -0.20 17.13
C GLY B 154 -5.07 -0.52 16.64
N MET B 155 -5.96 -0.83 17.58
CA MET B 155 -7.35 -1.14 17.25
C MET B 155 -8.11 0.07 16.75
N LYS B 156 -7.75 1.27 17.23
CA LYS B 156 -8.31 2.53 16.76
C LYS B 156 -7.90 2.76 15.29
N TYR B 157 -6.65 2.38 14.92
CA TYR B 157 -6.16 2.51 13.56
C TYR B 157 -6.89 1.52 12.66
N LEU B 158 -6.95 0.23 13.07
CA LEU B 158 -7.66 -0.79 12.30
C LEU B 158 -9.16 -0.46 12.08
N ALA B 159 -9.85 0.12 13.11
CA ALA B 159 -11.26 0.57 13.00
C ALA B 159 -11.39 1.72 12.04
N SER B 160 -10.38 2.60 11.95
CA SER B 160 -10.40 3.70 10.98
C SER B 160 -10.34 3.18 9.54
N LYS B 161 -9.83 1.95 9.31
CA LYS B 161 -9.78 1.31 7.99
C LYS B 161 -11.01 0.40 7.74
N LYS B 162 -11.98 0.34 8.66
CA LYS B 162 -13.11 -0.60 8.60
C LYS B 162 -12.58 -2.05 8.57
N PHE B 163 -11.44 -2.31 9.24
CA PHE B 163 -10.88 -3.63 9.29
C PHE B 163 -11.31 -4.28 10.62
N VAL B 164 -12.17 -5.30 10.55
CA VAL B 164 -12.66 -6.01 11.73
C VAL B 164 -11.74 -7.18 12.04
N HIS B 165 -11.18 -7.23 13.24
CA HIS B 165 -10.25 -8.27 13.64
C HIS B 165 -10.88 -9.67 13.77
N ARG B 166 -12.00 -9.77 14.52
CA ARG B 166 -12.69 -11.05 14.80
C ARG B 166 -11.93 -11.96 15.80
N ASP B 167 -10.62 -11.78 16.05
CA ASP B 167 -9.88 -12.68 16.95
C ASP B 167 -8.98 -11.92 17.95
N LEU B 168 -9.45 -10.76 18.44
CA LEU B 168 -8.66 -9.99 19.40
C LEU B 168 -8.58 -10.68 20.78
N ALA B 169 -7.39 -11.14 21.14
CA ALA B 169 -7.04 -11.79 22.42
C ALA B 169 -5.52 -11.58 22.69
N ALA B 170 -5.10 -11.72 23.96
CA ALA B 170 -3.69 -11.52 24.34
C ALA B 170 -2.70 -12.40 23.53
N ARG B 171 -3.13 -13.58 23.09
CA ARG B 171 -2.28 -14.47 22.28
C ARG B 171 -2.01 -13.93 20.86
N ASN B 172 -2.75 -12.91 20.41
CA ASN B 172 -2.56 -12.34 19.08
C ASN B 172 -1.88 -10.97 19.08
N CYS B 173 -1.38 -10.51 20.24
CA CYS B 173 -0.68 -9.23 20.31
C CYS B 173 0.75 -9.54 20.63
N MET B 174 1.65 -9.19 19.72
CA MET B 174 3.06 -9.53 19.82
C MET B 174 3.90 -8.41 20.42
N LEU B 175 5.05 -8.75 20.99
CA LEU B 175 5.96 -7.77 21.59
C LEU B 175 7.30 -7.69 20.82
N ASP B 176 7.69 -6.49 20.40
CA ASP B 176 8.96 -6.29 19.69
C ASP B 176 10.15 -6.12 20.68
N GLU B 177 11.37 -5.85 20.18
CA GLU B 177 12.55 -5.71 21.05
C GLU B 177 12.49 -4.54 22.04
N LYS B 178 11.68 -3.51 21.77
CA LYS B 178 11.51 -2.36 22.65
C LYS B 178 10.22 -2.44 23.51
N PHE B 179 9.53 -3.60 23.50
CA PHE B 179 8.30 -3.87 24.24
C PHE B 179 7.09 -3.08 23.71
N THR B 180 7.10 -2.75 22.42
CA THR B 180 5.98 -2.11 21.75
C THR B 180 5.05 -3.27 21.32
N VAL B 181 3.76 -3.17 21.66
CA VAL B 181 2.75 -4.17 21.35
C VAL B 181 2.29 -4.00 19.92
N LYS B 182 2.20 -5.11 19.19
CA LYS B 182 1.74 -5.13 17.81
C LYS B 182 0.51 -6.02 17.73
N VAL B 183 -0.64 -5.48 17.32
CA VAL B 183 -1.85 -6.26 17.11
C VAL B 183 -1.59 -7.11 15.86
N ALA B 184 -1.80 -8.42 15.95
CA ALA B 184 -1.55 -9.33 14.83
C ALA B 184 -2.60 -10.52 14.85
N ASP B 185 -2.44 -11.59 14.06
CA ASP B 185 -3.30 -12.74 14.10
C ASP B 185 -2.48 -13.96 13.75
N PHE B 186 -2.33 -14.89 14.69
CA PHE B 186 -1.55 -16.09 14.47
C PHE B 186 -2.39 -17.35 14.45
N GLY B 187 -3.49 -17.31 13.72
CA GLY B 187 -4.38 -18.44 13.55
C GLY B 187 -4.66 -18.71 12.09
N LEU B 188 -5.90 -19.09 11.77
CA LEU B 188 -6.32 -19.38 10.39
C LEU B 188 -6.27 -18.12 9.49
N ALA B 189 -6.26 -18.32 8.16
CA ALA B 189 -6.24 -17.18 7.23
C ALA B 189 -7.54 -16.38 7.36
N ARG B 190 -7.46 -15.04 7.27
CA ARG B 190 -8.64 -14.20 7.41
C ARG B 190 -9.64 -14.43 6.29
N VAL B 191 -10.92 -14.56 6.65
CA VAL B 191 -12.01 -14.78 5.71
C VAL B 191 -12.65 -13.43 5.28
N MET B 192 -13.17 -13.35 4.06
CA MET B 192 -13.80 -12.12 3.59
C MET B 192 -15.21 -11.98 4.17
N TYR B 193 -15.93 -13.09 4.32
CA TYR B 193 -17.31 -13.06 4.83
C TYR B 193 -17.47 -13.72 6.20
N ASP B 194 -18.31 -13.13 7.07
CA ASP B 194 -18.59 -13.62 8.43
C ASP B 194 -19.15 -15.04 8.44
N LYS B 195 -19.96 -15.42 7.45
CA LYS B 195 -20.50 -16.78 7.35
C LYS B 195 -19.39 -17.83 7.19
N GLU B 196 -18.27 -17.47 6.56
CA GLU B 196 -17.16 -18.41 6.35
C GLU B 196 -16.30 -18.58 7.61
N TYR B 197 -16.32 -17.61 8.55
CA TYR B 197 -15.56 -17.69 9.79
C TYR B 197 -15.94 -18.95 10.59
N TYR B 198 -17.23 -19.17 10.82
CA TYR B 198 -17.74 -20.33 11.55
C TYR B 198 -17.49 -21.63 10.77
N SER B 199 -17.77 -21.59 9.47
CA SER B 199 -17.59 -22.72 8.57
C SER B 199 -16.14 -23.24 8.57
N VAL B 200 -15.14 -22.35 8.48
CA VAL B 200 -13.74 -22.76 8.50
C VAL B 200 -13.35 -23.34 9.86
N HIS B 201 -13.83 -22.76 10.97
CA HIS B 201 -13.52 -23.30 12.30
C HIS B 201 -14.00 -24.74 12.46
N ASN B 202 -15.22 -25.04 11.99
CA ASN B 202 -15.78 -26.38 12.04
C ASN B 202 -14.99 -27.35 11.14
N LYS B 203 -14.59 -26.89 9.96
CA LYS B 203 -13.84 -27.72 9.01
C LYS B 203 -12.42 -28.08 9.46
N THR B 204 -11.74 -27.19 10.18
CA THR B 204 -10.37 -27.44 10.62
C THR B 204 -10.23 -27.96 12.04
N GLY B 205 -11.29 -27.90 12.83
CA GLY B 205 -11.23 -28.31 14.23
C GLY B 205 -10.64 -27.26 15.14
N ALA B 206 -10.30 -26.06 14.60
CA ALA B 206 -9.81 -24.94 15.41
C ALA B 206 -11.01 -24.45 16.23
N LYS B 207 -10.84 -24.34 17.55
CA LYS B 207 -11.96 -23.96 18.42
C LYS B 207 -12.38 -22.51 18.25
N LEU B 208 -13.70 -22.27 18.23
CA LEU B 208 -14.25 -20.92 18.19
C LEU B 208 -13.97 -20.31 19.56
N PRO B 209 -13.36 -19.12 19.60
CA PRO B 209 -13.08 -18.50 20.90
C PRO B 209 -14.33 -17.83 21.46
N VAL B 210 -15.36 -18.61 21.76
CA VAL B 210 -16.64 -18.13 22.28
C VAL B 210 -16.48 -17.27 23.54
N LYS B 211 -15.41 -17.49 24.32
CA LYS B 211 -15.18 -16.73 25.54
C LYS B 211 -14.66 -15.30 25.33
N TRP B 212 -14.31 -14.95 24.09
CA TRP B 212 -13.91 -13.60 23.74
C TRP B 212 -14.97 -12.92 22.83
N MET B 213 -15.91 -13.68 22.28
CA MET B 213 -16.93 -13.20 21.36
C MET B 213 -18.04 -12.38 22.00
N ALA B 214 -18.44 -11.32 21.30
CA ALA B 214 -19.55 -10.49 21.75
C ALA B 214 -20.85 -11.30 21.71
N LEU B 215 -21.81 -10.94 22.57
CA LEU B 215 -23.10 -11.59 22.67
C LEU B 215 -23.82 -11.71 21.32
N GLU B 216 -23.86 -10.63 20.53
CA GLU B 216 -24.54 -10.64 19.24
C GLU B 216 -23.82 -11.54 18.20
N SER B 217 -22.51 -11.77 18.35
CA SER B 217 -21.77 -12.66 17.44
C SER B 217 -22.07 -14.12 17.79
N LEU B 218 -22.26 -14.42 19.08
CA LEU B 218 -22.62 -15.75 19.55
C LEU B 218 -24.05 -16.09 19.06
N GLN B 219 -24.96 -15.10 19.00
CA GLN B 219 -26.36 -15.32 18.60
C GLN B 219 -26.63 -15.23 17.09
N THR B 220 -25.87 -14.39 16.39
CA THR B 220 -25.94 -14.20 14.94
C THR B 220 -24.54 -14.42 14.37
N GLN B 221 -24.44 -14.73 13.07
CA GLN B 221 -23.11 -14.97 12.48
C GLN B 221 -22.55 -13.66 11.93
N LYS B 222 -22.18 -12.74 12.83
CA LYS B 222 -21.73 -11.41 12.46
C LYS B 222 -20.67 -10.80 13.41
N PHE B 223 -19.77 -9.99 12.86
CA PHE B 223 -18.67 -9.31 13.54
C PHE B 223 -18.60 -7.90 13.03
N THR B 224 -18.42 -6.93 13.93
CA THR B 224 -18.29 -5.50 13.62
C THR B 224 -17.13 -4.91 14.49
N THR B 225 -16.85 -3.60 14.36
CA THR B 225 -15.88 -2.94 15.21
C THR B 225 -16.37 -2.97 16.69
N LYS B 226 -17.70 -2.97 16.92
CA LYS B 226 -18.27 -3.02 18.27
C LYS B 226 -18.07 -4.39 18.96
N SER B 227 -18.03 -5.46 18.18
CA SER B 227 -17.73 -6.78 18.72
C SER B 227 -16.22 -6.94 19.00
N ASP B 228 -15.35 -6.18 18.30
CA ASP B 228 -13.91 -6.13 18.59
C ASP B 228 -13.69 -5.40 19.94
N VAL B 229 -14.55 -4.42 20.27
CA VAL B 229 -14.52 -3.66 21.51
C VAL B 229 -14.84 -4.63 22.68
N TRP B 230 -15.81 -5.56 22.48
CA TRP B 230 -16.15 -6.57 23.49
C TRP B 230 -14.91 -7.49 23.71
N SER B 231 -14.29 -7.96 22.62
CA SER B 231 -13.09 -8.80 22.67
C SER B 231 -11.95 -8.07 23.36
N PHE B 232 -11.82 -6.75 23.13
CA PHE B 232 -10.80 -5.89 23.74
C PHE B 232 -10.99 -5.85 25.24
N GLY B 233 -12.26 -5.79 25.70
CA GLY B 233 -12.59 -5.81 27.11
C GLY B 233 -12.06 -7.05 27.81
N VAL B 234 -12.25 -8.25 27.17
CA VAL B 234 -11.76 -9.57 27.65
C VAL B 234 -10.23 -9.61 27.65
N LEU B 235 -9.58 -8.98 26.65
CA LEU B 235 -8.14 -8.88 26.55
C LEU B 235 -7.62 -8.05 27.74
N LEU B 236 -8.25 -6.89 28.06
CA LEU B 236 -7.86 -6.10 29.25
C LEU B 236 -7.96 -6.93 30.53
N TRP B 237 -8.94 -7.83 30.60
CA TRP B 237 -9.13 -8.72 31.74
C TRP B 237 -8.00 -9.74 31.84
N GLU B 238 -7.58 -10.32 30.68
CA GLU B 238 -6.46 -11.25 30.56
C GLU B 238 -5.19 -10.54 31.01
N LEU B 239 -5.01 -9.26 30.65
CA LEU B 239 -3.82 -8.51 31.05
C LEU B 239 -3.81 -8.28 32.56
N MET B 240 -4.97 -7.90 33.15
CA MET B 240 -5.01 -7.59 34.57
C MET B 240 -4.91 -8.80 35.49
N THR B 241 -5.19 -10.00 34.98
CA THR B 241 -5.05 -11.26 35.72
C THR B 241 -3.75 -12.00 35.40
N ARG B 242 -2.86 -11.41 34.58
CA ARG B 242 -1.60 -11.99 34.13
C ARG B 242 -1.81 -13.31 33.38
N GLY B 243 -2.77 -13.27 32.46
CA GLY B 243 -3.06 -14.35 31.53
C GLY B 243 -3.89 -15.50 32.04
N ALA B 244 -4.88 -15.21 32.89
CA ALA B 244 -5.75 -16.27 33.41
C ALA B 244 -6.84 -16.60 32.37
N PRO B 245 -7.28 -17.86 32.28
CA PRO B 245 -8.34 -18.18 31.31
C PRO B 245 -9.71 -17.66 31.76
N PRO B 246 -10.39 -16.89 30.90
CA PRO B 246 -11.70 -16.33 31.30
C PRO B 246 -12.78 -17.37 31.59
N TYR B 247 -13.72 -17.04 32.49
CA TYR B 247 -14.86 -17.88 32.90
C TYR B 247 -14.47 -19.37 33.12
N PRO B 248 -13.56 -19.64 34.07
CA PRO B 248 -13.12 -21.04 34.26
C PRO B 248 -14.21 -22.03 34.62
N ASP B 249 -15.21 -21.58 35.37
CA ASP B 249 -16.32 -22.43 35.78
C ASP B 249 -17.53 -22.39 34.84
N VAL B 250 -17.40 -21.75 33.67
CA VAL B 250 -18.51 -21.67 32.73
C VAL B 250 -18.25 -22.62 31.57
N ASN B 251 -19.23 -23.48 31.26
CA ASN B 251 -19.08 -24.41 30.15
C ASN B 251 -19.16 -23.60 28.86
N THR B 252 -18.32 -23.93 27.90
CA THR B 252 -18.21 -23.22 26.64
C THR B 252 -19.59 -23.10 25.92
N PHE B 253 -20.50 -24.09 26.07
CA PHE B 253 -21.82 -24.04 25.43
C PHE B 253 -22.84 -23.18 26.22
N ASP B 254 -22.55 -22.86 27.48
CA ASP B 254 -23.40 -22.07 28.35
C ASP B 254 -23.01 -20.59 28.41
N ILE B 255 -22.04 -20.13 27.59
CA ILE B 255 -21.56 -18.73 27.64
C ILE B 255 -22.63 -17.72 27.24
N THR B 256 -23.52 -18.05 26.28
CA THR B 256 -24.57 -17.12 25.88
C THR B 256 -25.56 -16.88 27.03
N VAL B 257 -25.99 -17.95 27.70
CA VAL B 257 -26.93 -17.87 28.82
C VAL B 257 -26.31 -17.14 30.00
N TYR B 258 -25.02 -17.36 30.27
CA TYR B 258 -24.29 -16.69 31.34
C TYR B 258 -24.30 -15.18 31.14
N LEU B 259 -24.03 -14.73 29.91
CA LEU B 259 -24.00 -13.32 29.57
C LEU B 259 -25.40 -12.74 29.59
N LEU B 260 -26.41 -13.49 29.11
CA LEU B 260 -27.81 -13.08 29.07
C LEU B 260 -28.39 -12.90 30.47
N GLN B 261 -27.92 -13.70 31.43
CA GLN B 261 -28.26 -13.58 32.86
C GLN B 261 -27.65 -12.30 33.49
N GLY B 262 -26.86 -11.55 32.71
CA GLY B 262 -26.20 -10.32 33.12
C GLY B 262 -24.87 -10.53 33.83
N ARG B 263 -24.38 -11.78 33.82
CA ARG B 263 -23.13 -12.10 34.49
C ARG B 263 -21.94 -11.74 33.65
N ARG B 264 -20.87 -11.27 34.32
CA ARG B 264 -19.66 -10.80 33.66
C ARG B 264 -18.39 -11.31 34.34
N LEU B 265 -17.23 -11.11 33.70
CA LEU B 265 -15.93 -11.50 34.26
C LEU B 265 -15.69 -10.69 35.54
N LEU B 266 -15.26 -11.36 36.61
CA LEU B 266 -15.06 -10.70 37.90
C LEU B 266 -13.87 -9.76 37.88
N GLN B 267 -13.91 -8.71 38.70
CA GLN B 267 -12.84 -7.74 38.78
C GLN B 267 -11.56 -8.36 39.29
N PRO B 268 -10.47 -8.28 38.51
CA PRO B 268 -9.20 -8.86 38.95
C PRO B 268 -8.71 -8.22 40.26
N GLU B 269 -8.03 -9.02 41.10
CA GLU B 269 -7.53 -8.63 42.41
C GLU B 269 -6.82 -7.28 42.42
N TYR B 270 -5.97 -7.00 41.41
CA TYR B 270 -5.29 -5.70 41.35
C TYR B 270 -5.63 -4.96 40.05
N CYS B 271 -6.89 -4.58 39.90
CA CYS B 271 -7.36 -3.83 38.75
C CYS B 271 -8.03 -2.58 39.29
N PRO B 272 -7.57 -1.39 38.85
CA PRO B 272 -8.18 -0.15 39.32
C PRO B 272 -9.68 -0.07 38.97
N ASP B 273 -10.50 0.48 39.88
CA ASP B 273 -11.95 0.63 39.67
C ASP B 273 -12.30 1.31 38.32
N PRO B 274 -11.64 2.43 37.93
CA PRO B 274 -11.92 3.01 36.60
C PRO B 274 -11.60 2.08 35.44
N LEU B 275 -10.56 1.20 35.54
CA LEU B 275 -10.23 0.27 34.46
C LEU B 275 -11.27 -0.86 34.39
N TYR B 276 -11.71 -1.36 35.56
CA TYR B 276 -12.76 -2.37 35.58
C TYR B 276 -14.07 -1.81 35.02
N GLU B 277 -14.35 -0.53 35.26
CA GLU B 277 -15.51 0.17 34.73
C GLU B 277 -15.43 0.20 33.18
N VAL B 278 -14.24 0.48 32.64
CA VAL B 278 -13.97 0.49 31.20
C VAL B 278 -14.32 -0.88 30.58
N MET B 279 -13.94 -1.98 31.27
CA MET B 279 -14.20 -3.36 30.86
C MET B 279 -15.70 -3.59 30.77
N LEU B 280 -16.46 -3.26 31.84
CA LEU B 280 -17.92 -3.38 31.85
C LEU B 280 -18.59 -2.65 30.67
N LYS B 281 -18.07 -1.48 30.28
CA LYS B 281 -18.63 -0.73 29.14
C LYS B 281 -18.39 -1.41 27.82
N CYS B 282 -17.25 -2.15 27.70
CA CYS B 282 -16.90 -2.93 26.50
C CYS B 282 -17.86 -4.11 26.32
N TRP B 283 -18.36 -4.65 27.44
CA TRP B 283 -19.25 -5.78 27.47
C TRP B 283 -20.72 -5.35 27.61
N HIS B 284 -21.09 -4.14 27.16
CA HIS B 284 -22.48 -3.66 27.20
C HIS B 284 -23.31 -4.57 26.30
N PRO B 285 -24.46 -5.09 26.76
CA PRO B 285 -25.28 -5.94 25.89
C PRO B 285 -25.71 -5.32 24.56
N LYS B 286 -25.75 -3.98 24.46
CA LYS B 286 -26.12 -3.31 23.21
C LYS B 286 -24.86 -2.80 22.53
N ALA B 287 -24.53 -3.34 21.36
CA ALA B 287 -23.29 -3.00 20.66
C ALA B 287 -23.12 -1.49 20.41
N GLU B 288 -24.22 -0.80 20.03
CA GLU B 288 -24.17 0.64 19.75
C GLU B 288 -23.93 1.50 21.01
N MET B 289 -24.05 0.91 22.21
CA MET B 289 -23.77 1.62 23.45
C MET B 289 -22.34 1.43 23.94
N ARG B 290 -21.56 0.55 23.27
CA ARG B 290 -20.16 0.32 23.62
C ARG B 290 -19.30 1.48 23.15
N PRO B 291 -18.24 1.83 23.91
CA PRO B 291 -17.35 2.92 23.45
C PRO B 291 -16.62 2.57 22.16
N SER B 292 -16.27 3.58 21.36
CA SER B 292 -15.44 3.34 20.17
C SER B 292 -13.98 3.17 20.65
N PHE B 293 -13.07 2.68 19.78
CA PHE B 293 -11.67 2.56 20.16
C PHE B 293 -11.02 3.92 20.41
N SER B 294 -11.52 4.97 19.77
CA SER B 294 -11.02 6.33 19.96
C SER B 294 -11.36 6.78 21.40
N GLU B 295 -12.57 6.47 21.89
CA GLU B 295 -12.96 6.77 23.28
C GLU B 295 -12.13 5.96 24.28
N LEU B 296 -11.86 4.68 23.97
CA LEU B 296 -10.99 3.84 24.83
C LEU B 296 -9.56 4.38 24.89
N VAL B 297 -9.00 4.89 23.77
CA VAL B 297 -7.64 5.42 23.77
C VAL B 297 -7.55 6.62 24.73
N SER B 298 -8.53 7.55 24.64
CA SER B 298 -8.60 8.70 25.52
C SER B 298 -8.83 8.32 26.98
N ARG B 299 -9.82 7.45 27.25
CA ARG B 299 -10.13 7.02 28.62
C ARG B 299 -8.98 6.27 29.29
N ILE B 300 -8.33 5.37 28.54
CA ILE B 300 -7.20 4.60 29.07
C ILE B 300 -5.94 5.48 29.20
N SER B 301 -5.75 6.52 28.36
CA SER B 301 -4.60 7.45 28.48
C SER B 301 -4.69 8.27 29.75
N ALA B 302 -5.92 8.67 30.12
CA ALA B 302 -6.13 9.44 31.33
C ALA B 302 -5.90 8.53 32.56
N ILE B 303 -6.34 7.27 32.51
CA ILE B 303 -6.13 6.33 33.61
C ILE B 303 -4.63 6.05 33.78
N PHE B 304 -3.95 5.68 32.67
CA PHE B 304 -2.53 5.36 32.66
C PHE B 304 -1.64 6.56 33.06
N SER B 305 -1.92 7.75 32.49
CA SER B 305 -1.10 8.94 32.68
C SER B 305 -1.10 9.46 34.10
N THR B 306 -2.19 9.25 34.85
CA THR B 306 -2.23 9.68 36.25
C THR B 306 -2.19 8.51 37.25
N PHE B 307 -1.85 7.30 36.81
CA PHE B 307 -1.82 6.14 37.71
C PHE B 307 -0.50 6.12 38.49
N ILE B 308 -0.55 5.83 39.80
CA ILE B 308 0.66 5.77 40.61
C ILE B 308 1.20 4.35 40.73
N GLY B 309 2.38 4.17 40.13
CA GLY B 309 3.09 2.90 40.09
C GLY B 309 3.94 2.77 38.83
I IOD C . -10.05 9.04 -19.21
I IOD D . -4.04 24.17 1.05
I IOD E . 14.76 1.50 -6.63
I IOD F . 24.38 3.64 -20.46
I IOD G . -15.73 7.75 2.14
I IOD H . 3.80 13.21 -31.14
I IOD I . -4.48 14.50 -22.32
I IOD J . -7.80 -3.02 -19.54
I IOD K . 4.89 12.93 -3.83
I IOD L . -2.55 -6.91 -24.96
C1 W3N M . 0.64 8.76 -10.29
C2 W3N M . 1.67 8.16 -11.24
C3 W3N M . 3.01 8.15 -10.91
C7 W3N M . 1.28 7.62 -12.47
C8 W3N M . 1.77 6.52 -14.63
C9 W3N M . 2.50 5.95 -15.63
C10 W3N M . 0.46 5.90 -16.29
C11 W3N M . -1.72 8.15 -10.82
C12 W3N M . -2.91 8.32 -11.43
C13 W3N M . -3.08 9.47 -12.33
C14 W3N M . -0.74 10.10 -11.82
C15 W3N M . -4.03 7.36 -11.19
C16 W3N M . -4.42 7.10 -9.87
C19 W3N M . -5.75 5.76 -11.93
C20 W3N M . -4.71 6.67 -12.22
C21 W3N M . -6.17 5.30 -13.21
O1 W3N M . 0.18 10.88 -12.00
N2 W3N M . -0.65 9.00 -10.99
C6 W3N M . 2.20 7.08 -13.35
N1 W3N M . 0.46 6.48 -15.07
N W3N M . 1.68 5.55 -16.68
C5 W3N M . 3.55 7.08 -12.99
C4 W3N M . 3.95 7.60 -11.78
C W3N M . 0.44 7.99 -9.00
N3 W3N M . -1.96 10.27 -12.44
O W3N M . -4.10 9.75 -12.96
N4 W3N M . -4.57 6.70 -13.56
N5 W3N M . -5.46 5.85 -14.17
C18 W3N M . -6.11 5.54 -10.60
C17 W3N M . -5.44 6.21 -9.59
I IOD N . -13.02 -20.46 24.36
I IOD O . 9.05 -13.07 -7.49
I IOD P . -5.40 6.22 14.06
I IOD Q . -14.84 4.41 28.07
I IOD R . -14.53 -15.03 36.18
I IOD S . -4.87 -22.08 14.82
I IOD T . -3.75 7.56 19.00
I IOD U . 18.25 -12.67 10.27
I IOD V . -6.37 -21.33 6.77
C1 W3N W . -0.93 -9.04 10.08
C2 W3N W . -2.15 -8.62 10.88
C3 W3N W . -2.09 -7.45 11.63
C7 W3N W . -3.33 -9.37 10.90
C8 W3N W . -5.67 -9.76 11.67
C9 W3N W . -6.84 -9.55 12.34
C10 W3N W . -7.12 -11.36 11.25
C11 W3N W . -1.41 -10.75 8.33
C12 W3N W . -1.55 -12.01 7.87
C13 W3N W . -1.31 -13.12 8.79
C14 W3N W . -0.80 -11.45 10.55
C15 W3N W . -1.95 -12.24 6.45
C16 W3N W . -1.21 -11.66 5.43
C19 W3N W . -3.43 -13.20 4.74
C20 W3N W . -3.07 -13.02 6.08
C21 W3N W . -4.59 -14.02 4.81
O1 W3N W . -0.49 -11.22 11.70
N2 W3N W . -1.05 -10.45 9.63
C6 W3N W . -4.42 -8.96 11.66
N1 W3N W . -5.87 -10.93 10.98
N W3N W . -7.74 -10.54 12.08
C5 W3N W . -4.34 -7.79 12.40
C4 W3N W . -3.18 -7.04 12.39
C W3N W . -0.56 -8.11 8.91
N3 W3N W . -0.95 -12.73 10.07
O W3N W . -1.39 -14.32 8.52
N4 W3N W . -3.98 -13.68 6.83
N5 W3N W . -4.91 -14.30 6.05
C18 W3N W . -2.65 -12.61 3.74
C17 W3N W . -1.55 -11.84 4.09
#